data_7I9U
#
_entry.id   7I9U
#
_cell.length_a   42.593
_cell.length_b   42.593
_cell.length_c   216.322
_cell.angle_alpha   90.000
_cell.angle_beta   90.000
_cell.angle_gamma   90.000
#
_symmetry.space_group_name_H-M   'P 43 2 2'
#
loop_
_entity.id
_entity.type
_entity.pdbx_description
1 polymer 'Serine protease subunit NS2B'
2 polymer 'Serine protease NS3'
3 non-polymer 'DIMETHYL SULFOXIDE'
4 non-polymer (2R)-2-(3-chloro-5-cyclopropylphenyl)-N-(2,2-difluoroethyl)-2-[(2,3-dihydro-1H-isoindol-5-yl)amino]acetamide
5 water water
#
loop_
_entity_poly.entity_id
_entity_poly.type
_entity_poly.pdbx_seq_one_letter_code
_entity_poly.pdbx_strand_id
1 'polypeptide(L)' SMGKSVDMYIERAGDITWEKDAEVTGNSPRLDVALDESGDFSLVEE A
2 'polypeptide(L)'
;MKEVKKGETTDGVYRVMTRRLLGSTQVGVGVMQEGVFHTMWHVTKGAALRSGEGRLDPYWGDVKQDLVSYCGPWKLDAAW
DGLSEVQLLAVPPGERAKNIQTLPGIFKTKDGDIGAVALDYPAGTSGSPILDKCGRVIGLYGNGVVIKNGSYVSAITQGK
REEETPVE
;
B
#
loop_
_chem_comp.id
_chem_comp.type
_chem_comp.name
_chem_comp.formula
A1B9E non-polymer (2R)-2-(3-chloro-5-cyclopropylphenyl)-N-(2,2-difluoroethyl)-2-[(2,3-dihydro-1H-isoindol-5-yl)amino]acetamide 'C21 H22 Cl F2 N3 O'
DMS non-polymer 'DIMETHYL SULFOXIDE' 'C2 H6 O S'
#
# COMPACT_ATOMS: atom_id res chain seq x y z
N ASP A 7 18.88 -6.55 -8.11
CA ASP A 7 18.78 -6.29 -6.67
C ASP A 7 17.95 -5.03 -6.40
N MET A 8 17.02 -5.11 -5.44
CA MET A 8 16.16 -3.99 -5.07
C MET A 8 16.70 -3.22 -3.87
N TYR A 9 16.33 -1.92 -3.76
CA TYR A 9 16.74 -1.09 -2.64
C TYR A 9 15.67 -0.09 -2.20
N ILE A 10 15.81 0.45 -0.98
CA ILE A 10 14.84 1.40 -0.46
C ILE A 10 15.47 2.78 -0.19
N GLU A 11 14.70 3.81 -0.52
CA GLU A 11 15.06 5.23 -0.33
C GLU A 11 13.93 5.89 0.42
N ARG A 12 14.21 6.65 1.49
CA ARG A 12 13.16 7.34 2.24
C ARG A 12 12.43 8.37 1.38
N ALA A 13 11.12 8.49 1.57
CA ALA A 13 10.33 9.47 0.82
C ALA A 13 9.51 10.42 1.71
N GLY A 14 9.53 10.23 3.03
CA GLY A 14 8.81 11.12 3.92
C GLY A 14 8.27 10.51 5.20
N ASP A 15 7.61 11.36 6.01
CA ASP A 15 7.00 10.99 7.29
C ASP A 15 5.57 10.54 7.07
N ILE A 16 5.07 9.70 7.98
CA ILE A 16 3.69 9.28 7.92
C ILE A 16 2.87 10.15 8.86
N THR A 17 2.27 11.21 8.30
N THR A 17 2.26 11.21 8.30
CA THR A 17 1.47 12.20 9.03
CA THR A 17 1.48 12.19 9.05
C THR A 17 0.19 12.54 8.26
C THR A 17 0.21 12.57 8.27
N TRP A 18 -0.86 12.91 8.99
CA TRP A 18 -2.10 13.34 8.36
C TRP A 18 -1.89 14.82 7.99
N GLU A 19 -2.22 15.23 6.74
CA GLU A 19 -2.08 16.62 6.33
C GLU A 19 -3.46 17.28 6.37
N LYS A 20 -3.68 18.23 7.30
CA LYS A 20 -4.94 18.95 7.36
C LYS A 20 -5.01 19.85 6.13
N ASP A 21 -6.19 19.96 5.50
CA ASP A 21 -6.34 20.77 4.29
C ASP A 21 -5.58 20.16 3.10
N ALA A 22 -5.73 18.86 2.89
CA ALA A 22 -5.11 18.18 1.75
C ALA A 22 -6.13 18.19 0.57
N GLU A 23 -5.69 17.81 -0.65
CA GLU A 23 -6.58 17.78 -1.80
C GLU A 23 -7.62 16.62 -1.65
N VAL A 24 -8.91 16.96 -1.45
CA VAL A 24 -9.98 15.97 -1.27
C VAL A 24 -10.64 15.54 -2.57
N THR A 25 -10.22 14.42 -3.14
CA THR A 25 -10.80 13.91 -4.38
C THR A 25 -11.11 12.40 -4.28
N GLY A 26 -11.88 11.86 -5.21
CA GLY A 26 -12.18 10.43 -5.22
C GLY A 26 -13.60 10.05 -4.85
N ASN A 27 -14.15 9.06 -5.56
CA ASN A 27 -15.48 8.55 -5.30
C ASN A 27 -15.45 7.30 -4.35
N SER A 28 -16.62 6.87 -3.83
CA SER A 28 -16.74 5.72 -2.91
C SER A 28 -17.64 4.60 -3.50
N PRO A 29 -17.13 3.78 -4.43
CA PRO A 29 -18.01 2.75 -5.03
C PRO A 29 -18.18 1.49 -4.21
N ARG A 30 -19.37 0.86 -4.29
CA ARG A 30 -19.65 -0.41 -3.61
C ARG A 30 -19.56 -1.48 -4.69
N LEU A 31 -18.48 -2.27 -4.67
CA LEU A 31 -18.22 -3.26 -5.71
C LEU A 31 -18.21 -4.70 -5.21
N ASP A 32 -18.82 -5.63 -5.97
CA ASP A 32 -18.78 -7.03 -5.63
C ASP A 32 -17.53 -7.67 -6.23
N VAL A 33 -16.61 -8.13 -5.39
CA VAL A 33 -15.35 -8.67 -5.88
C VAL A 33 -15.05 -10.09 -5.35
N ALA A 34 -14.13 -10.80 -6.02
CA ALA A 34 -13.70 -12.12 -5.61
C ALA A 34 -12.17 -12.13 -5.52
N LEU A 35 -11.62 -12.78 -4.50
CA LEU A 35 -10.17 -12.87 -4.29
C LEU A 35 -9.71 -14.31 -4.54
N ASP A 36 -8.84 -14.52 -5.53
CA ASP A 36 -8.36 -15.87 -5.83
C ASP A 36 -7.10 -16.23 -4.98
N GLU A 37 -6.65 -17.49 -5.07
CA GLU A 37 -5.49 -18.01 -4.36
C GLU A 37 -4.21 -17.25 -4.67
N SER A 38 -4.16 -16.50 -5.78
CA SER A 38 -2.98 -15.74 -6.18
C SER A 38 -2.97 -14.28 -5.75
N GLY A 39 -3.96 -13.85 -4.98
CA GLY A 39 -4.07 -12.47 -4.51
C GLY A 39 -4.56 -11.51 -5.59
N ASP A 40 -5.31 -12.04 -6.57
CA ASP A 40 -5.84 -11.22 -7.66
C ASP A 40 -7.34 -11.01 -7.48
N PHE A 41 -7.76 -9.75 -7.38
CA PHE A 41 -9.17 -9.42 -7.27
C PHE A 41 -9.79 -9.41 -8.67
N SER A 42 -11.06 -9.74 -8.72
CA SER A 42 -11.81 -9.74 -9.96
C SER A 42 -13.21 -9.20 -9.68
N LEU A 43 -13.94 -8.76 -10.72
CA LEU A 43 -15.30 -8.28 -10.52
C LEU A 43 -16.32 -9.38 -10.72
N VAL A 44 -17.20 -9.54 -9.74
CA VAL A 44 -18.27 -10.53 -9.81
C VAL A 44 -19.54 -9.84 -10.33
N GLU A 45 -20.24 -10.45 -11.29
CA GLU A 45 -21.47 -9.85 -11.81
C GLU A 45 -22.63 -10.86 -11.92
N GLY B 7 20.89 -0.53 7.39
CA GLY B 7 21.24 0.87 7.28
C GLY B 7 20.16 1.83 7.80
N GLU B 8 19.29 2.31 6.89
CA GLU B 8 18.21 3.25 7.26
C GLU B 8 17.06 2.54 7.99
N THR B 9 16.96 2.79 9.30
CA THR B 9 15.98 2.19 10.21
C THR B 9 14.81 3.14 10.57
N THR B 10 14.90 4.42 10.16
CA THR B 10 13.94 5.47 10.48
C THR B 10 12.51 5.12 10.08
N ASP B 11 11.53 5.40 10.96
CA ASP B 11 10.12 5.20 10.61
C ASP B 11 9.76 6.15 9.45
N GLY B 12 8.82 5.74 8.60
CA GLY B 12 8.41 6.58 7.48
C GLY B 12 8.02 5.81 6.23
N VAL B 13 7.75 6.54 5.14
CA VAL B 13 7.37 5.93 3.87
C VAL B 13 8.61 5.85 2.97
N TYR B 14 8.81 4.72 2.28
CA TYR B 14 10.00 4.52 1.45
C TYR B 14 9.64 4.13 0.02
N ARG B 15 10.52 4.40 -0.92
CA ARG B 15 10.35 3.97 -2.29
C ARG B 15 11.11 2.65 -2.42
N VAL B 16 10.61 1.74 -3.26
CA VAL B 16 11.23 0.44 -3.52
C VAL B 16 11.69 0.53 -4.97
N MET B 17 12.99 0.61 -5.18
CA MET B 17 13.62 0.80 -6.47
C MET B 17 14.39 -0.44 -6.95
N THR B 18 14.68 -0.50 -8.25
CA THR B 18 15.48 -1.57 -8.85
C THR B 18 16.40 -0.99 -9.93
N ARG B 19 17.61 -1.56 -10.08
CA ARG B 19 18.54 -1.09 -11.12
C ARG B 19 18.65 -2.09 -12.30
N ARG B 20 17.79 -3.14 -12.32
CA ARG B 20 17.74 -4.21 -13.31
C ARG B 20 17.30 -3.74 -14.68
N LEU B 21 16.22 -2.95 -14.74
CA LEU B 21 15.72 -2.41 -16.01
C LEU B 21 16.57 -1.17 -16.48
N LEU B 22 16.02 -0.29 -17.35
CA LEU B 22 16.76 0.89 -17.79
C LEU B 22 16.80 1.89 -16.63
N GLY B 23 17.97 2.47 -16.37
CA GLY B 23 18.18 3.40 -15.26
C GLY B 23 17.70 2.89 -13.92
N SER B 24 17.08 3.77 -13.12
CA SER B 24 16.47 3.36 -11.84
C SER B 24 14.95 3.36 -12.03
N THR B 25 14.27 2.30 -11.58
CA THR B 25 12.82 2.19 -11.72
C THR B 25 12.14 1.97 -10.36
N GLN B 26 11.07 2.72 -10.07
CA GLN B 26 10.32 2.51 -8.83
C GLN B 26 9.25 1.45 -9.05
N VAL B 27 9.42 0.31 -8.36
CA VAL B 27 8.53 -0.86 -8.48
C VAL B 27 7.36 -0.85 -7.44
N GLY B 28 7.55 -0.11 -6.36
CA GLY B 28 6.55 0.00 -5.32
C GLY B 28 7.01 0.92 -4.20
N VAL B 29 6.23 0.91 -3.12
CA VAL B 29 6.43 1.73 -1.92
C VAL B 29 6.23 0.84 -0.67
N GLY B 30 6.78 1.26 0.46
CA GLY B 30 6.57 0.55 1.71
C GLY B 30 6.56 1.46 2.92
N VAL B 31 6.28 0.90 4.10
CA VAL B 31 6.20 1.61 5.37
C VAL B 31 7.21 1.03 6.34
N MET B 32 8.09 1.84 6.88
CA MET B 32 9.00 1.40 7.93
C MET B 32 8.32 1.78 9.26
N GLN B 33 8.22 0.85 10.21
CA GLN B 33 7.57 1.14 11.50
C GLN B 33 8.05 0.11 12.51
N GLU B 34 8.49 0.53 13.70
CA GLU B 34 8.96 -0.41 14.72
C GLU B 34 10.07 -1.37 14.22
N GLY B 35 10.95 -0.86 13.35
CA GLY B 35 12.07 -1.62 12.81
C GLY B 35 11.70 -2.66 11.77
N VAL B 36 10.43 -2.65 11.30
CA VAL B 36 9.91 -3.60 10.32
C VAL B 36 9.49 -2.88 9.04
N PHE B 37 9.99 -3.33 7.86
CA PHE B 37 9.58 -2.74 6.59
C PHE B 37 8.36 -3.53 6.03
N HIS B 38 7.23 -2.85 5.76
CA HIS B 38 6.00 -3.44 5.26
C HIS B 38 5.71 -3.01 3.84
N THR B 39 5.58 -3.95 2.89
CA THR B 39 5.20 -3.60 1.53
C THR B 39 4.18 -4.65 0.94
N MET B 40 3.85 -4.57 -0.36
CA MET B 40 2.97 -5.51 -1.05
C MET B 40 3.86 -6.59 -1.62
N TRP B 41 3.41 -7.85 -1.53
CA TRP B 41 4.16 -8.99 -2.03
CA TRP B 41 4.15 -8.99 -2.03
C TRP B 41 4.50 -8.87 -3.51
N HIS B 42 3.53 -8.49 -4.35
CA HIS B 42 3.78 -8.42 -5.79
C HIS B 42 4.90 -7.44 -6.20
N VAL B 43 5.23 -6.47 -5.32
CA VAL B 43 6.28 -5.47 -5.51
C VAL B 43 7.70 -6.10 -5.45
N THR B 44 8.02 -6.84 -4.36
CA THR B 44 9.35 -7.42 -4.19
C THR B 44 9.47 -8.89 -4.60
N LYS B 45 8.31 -9.59 -4.65
CA LYS B 45 8.17 -11.03 -4.89
C LYS B 45 8.91 -11.86 -3.81
N GLY B 46 9.02 -11.29 -2.60
CA GLY B 46 9.68 -11.89 -1.45
C GLY B 46 11.18 -11.70 -1.41
N ALA B 47 11.79 -11.12 -2.46
CA ALA B 47 13.24 -10.95 -2.53
C ALA B 47 13.78 -10.00 -1.46
N ALA B 48 15.05 -10.20 -1.06
CA ALA B 48 15.73 -9.35 -0.07
C ALA B 48 15.89 -7.93 -0.60
N LEU B 49 15.92 -6.95 0.31
CA LEU B 49 16.03 -5.53 -0.04
C LEU B 49 17.30 -4.90 0.54
N ARG B 50 17.85 -3.92 -0.15
CA ARG B 50 19.05 -3.21 0.29
C ARG B 50 18.67 -1.85 0.85
N SER B 51 19.32 -1.41 1.91
CA SER B 51 19.06 -0.10 2.50
C SER B 51 20.40 0.60 2.67
N GLY B 52 21.03 0.90 1.53
CA GLY B 52 22.34 1.51 1.52
C GLY B 52 23.38 0.42 1.63
N GLU B 53 23.97 0.29 2.81
CA GLU B 53 24.95 -0.76 3.05
C GLU B 53 24.35 -1.99 3.80
N GLY B 54 23.12 -1.85 4.31
CA GLY B 54 22.43 -2.89 5.05
C GLY B 54 21.48 -3.74 4.23
N ARG B 55 21.12 -4.90 4.76
CA ARG B 55 20.25 -5.84 4.06
C ARG B 55 19.03 -6.15 4.90
N LEU B 56 17.87 -6.12 4.27
CA LEU B 56 16.59 -6.44 4.89
C LEU B 56 16.16 -7.78 4.36
N ASP B 57 16.02 -8.75 5.24
CA ASP B 57 15.57 -10.08 4.82
C ASP B 57 14.08 -10.23 5.11
N PRO B 58 13.33 -10.90 4.22
CA PRO B 58 11.90 -11.09 4.48
C PRO B 58 11.67 -11.95 5.72
N TYR B 59 10.57 -11.73 6.43
CA TYR B 59 10.28 -12.44 7.65
C TYR B 59 8.96 -13.19 7.55
N TRP B 60 7.92 -12.52 7.06
CA TRP B 60 6.59 -13.08 6.89
C TRP B 60 6.07 -12.64 5.50
N GLY B 61 5.31 -13.49 4.84
CA GLY B 61 4.75 -13.17 3.53
C GLY B 61 3.56 -14.03 3.19
N ASP B 62 2.66 -13.53 2.36
CA ASP B 62 1.47 -14.27 1.95
C ASP B 62 1.00 -13.73 0.60
N VAL B 63 1.05 -14.54 -0.44
CA VAL B 63 0.64 -14.16 -1.79
C VAL B 63 -0.85 -13.82 -1.87
N LYS B 64 -1.74 -14.53 -1.13
CA LYS B 64 -3.19 -14.22 -1.17
C LYS B 64 -3.48 -12.85 -0.56
N GLN B 65 -2.88 -12.57 0.61
CA GLN B 65 -3.04 -11.27 1.26
C GLN B 65 -2.33 -10.16 0.48
N ASP B 66 -1.31 -10.53 -0.32
CA ASP B 66 -0.45 -9.66 -1.11
C ASP B 66 0.33 -8.73 -0.20
N LEU B 67 0.88 -9.28 0.88
CA LEU B 67 1.64 -8.52 1.86
C LEU B 67 2.93 -9.24 2.18
N VAL B 68 3.93 -8.50 2.67
CA VAL B 68 5.24 -9.06 3.07
C VAL B 68 5.88 -8.10 4.08
N SER B 69 6.55 -8.63 5.09
CA SER B 69 7.25 -7.82 6.09
C SER B 69 8.75 -8.23 6.10
N TYR B 70 9.63 -7.28 6.40
CA TYR B 70 11.09 -7.46 6.44
C TYR B 70 11.59 -7.11 7.84
N CYS B 71 12.46 -7.96 8.43
CA CYS B 71 13.10 -7.76 9.75
C CYS B 71 12.24 -8.18 10.95
N GLY B 72 10.93 -8.34 10.75
CA GLY B 72 10.06 -8.75 11.84
C GLY B 72 8.64 -8.99 11.42
N PRO B 73 7.79 -9.39 12.36
CA PRO B 73 6.38 -9.62 11.99
C PRO B 73 5.65 -8.34 11.63
N TRP B 74 4.51 -8.45 10.90
CA TRP B 74 3.66 -7.31 10.56
C TRP B 74 3.31 -6.49 11.82
N LYS B 75 3.55 -5.16 11.80
CA LYS B 75 3.36 -4.29 12.97
C LYS B 75 2.14 -3.37 12.87
N LEU B 76 1.58 -3.18 11.65
CA LEU B 76 0.46 -2.27 11.36
C LEU B 76 -0.89 -2.91 11.70
N ASP B 77 -1.62 -2.38 12.69
CA ASP B 77 -2.88 -2.97 13.13
C ASP B 77 -4.14 -2.09 13.07
N ALA B 78 -3.97 -0.77 12.89
CA ALA B 78 -5.11 0.15 12.82
C ALA B 78 -6.10 -0.23 11.69
N ALA B 79 -7.39 0.02 11.90
CA ALA B 79 -8.40 -0.32 10.91
C ALA B 79 -9.32 0.84 10.56
N TRP B 80 -9.83 0.86 9.32
CA TRP B 80 -10.78 1.88 8.87
C TRP B 80 -12.08 1.69 9.66
N ASP B 81 -12.71 2.79 10.10
CA ASP B 81 -13.93 2.69 10.92
C ASP B 81 -15.24 2.54 10.13
N GLY B 82 -15.17 2.54 8.81
CA GLY B 82 -16.33 2.40 7.95
C GLY B 82 -17.10 3.69 7.71
N LEU B 83 -16.74 4.77 8.41
CA LEU B 83 -17.44 6.05 8.26
C LEU B 83 -16.54 7.20 7.88
N SER B 84 -15.35 7.29 8.49
CA SER B 84 -14.43 8.42 8.28
C SER B 84 -13.71 8.43 6.95
N GLU B 85 -13.32 9.64 6.52
CA GLU B 85 -12.51 9.85 5.33
C GLU B 85 -11.07 9.45 5.73
N VAL B 86 -10.27 9.10 4.75
CA VAL B 86 -8.90 8.64 4.96
C VAL B 86 -7.93 9.42 4.04
N GLN B 87 -6.61 9.28 4.26
CA GLN B 87 -5.64 9.92 3.39
C GLN B 87 -4.74 8.90 2.75
N LEU B 88 -4.58 8.98 1.43
CA LEU B 88 -3.63 8.12 0.75
C LEU B 88 -2.34 8.93 0.65
N LEU B 89 -1.30 8.51 1.37
CA LEU B 89 -0.02 9.16 1.30
C LEU B 89 0.62 8.49 0.09
N ALA B 90 0.28 9.00 -1.11
CA ALA B 90 0.75 8.43 -2.36
C ALA B 90 2.20 8.81 -2.63
N VAL B 91 3.05 7.86 -2.97
CA VAL B 91 4.44 8.14 -3.31
C VAL B 91 4.66 7.71 -4.77
N PRO B 92 4.34 8.58 -5.73
CA PRO B 92 4.42 8.17 -7.15
C PRO B 92 5.81 8.16 -7.74
N PRO B 93 6.08 7.31 -8.74
CA PRO B 93 7.44 7.27 -9.34
C PRO B 93 7.91 8.62 -9.83
N GLY B 94 9.13 8.99 -9.41
CA GLY B 94 9.76 10.26 -9.80
C GLY B 94 9.09 11.52 -9.29
N GLU B 95 8.03 11.38 -8.49
CA GLU B 95 7.30 12.53 -7.95
C GLU B 95 7.36 12.53 -6.42
N ARG B 96 7.12 13.69 -5.79
CA ARG B 96 7.14 13.82 -4.34
C ARG B 96 5.92 13.15 -3.67
N ALA B 97 6.06 12.79 -2.37
CA ALA B 97 4.99 12.24 -1.54
C ALA B 97 3.79 13.21 -1.52
N LYS B 98 2.57 12.71 -1.66
CA LYS B 98 1.37 13.56 -1.72
C LYS B 98 0.21 12.99 -0.91
N ASN B 99 -0.39 13.75 0.01
CA ASN B 99 -1.56 13.26 0.76
C ASN B 99 -2.87 13.54 0.00
N ILE B 100 -3.62 12.50 -0.34
CA ILE B 100 -4.88 12.65 -1.07
C ILE B 100 -6.04 12.17 -0.23
N GLN B 101 -6.83 13.08 0.32
CA GLN B 101 -7.94 12.70 1.16
C GLN B 101 -9.12 12.21 0.34
N THR B 102 -9.70 11.09 0.73
CA THR B 102 -10.83 10.49 0.02
C THR B 102 -11.73 9.75 1.01
N LEU B 103 -12.98 9.45 0.64
CA LEU B 103 -13.86 8.62 1.46
C LEU B 103 -13.91 7.27 0.78
N PRO B 104 -13.50 6.21 1.47
CA PRO B 104 -13.49 4.90 0.83
C PRO B 104 -14.86 4.28 0.57
N GLY B 105 -14.87 3.44 -0.45
CA GLY B 105 -15.98 2.63 -0.85
C GLY B 105 -15.87 1.26 -0.20
N ILE B 106 -16.47 0.24 -0.82
CA ILE B 106 -16.48 -1.11 -0.26
C ILE B 106 -16.19 -2.15 -1.32
N PHE B 107 -15.45 -3.19 -0.93
CA PHE B 107 -15.21 -4.38 -1.70
C PHE B 107 -16.03 -5.43 -0.96
N LYS B 108 -17.10 -5.94 -1.56
CA LYS B 108 -17.91 -6.99 -0.93
C LYS B 108 -17.43 -8.33 -1.44
N THR B 109 -16.97 -9.21 -0.54
CA THR B 109 -16.49 -10.55 -0.86
C THR B 109 -17.29 -11.63 -0.11
N LYS B 110 -17.14 -12.91 -0.50
CA LYS B 110 -17.82 -14.02 0.19
C LYS B 110 -17.35 -14.18 1.67
N ASP B 111 -16.20 -13.58 2.02
CA ASP B 111 -15.63 -13.64 3.36
C ASP B 111 -15.76 -12.34 4.17
N GLY B 112 -16.48 -11.35 3.65
CA GLY B 112 -16.67 -10.07 4.34
C GLY B 112 -16.35 -8.85 3.52
N ASP B 113 -16.64 -7.65 4.06
CA ASP B 113 -16.40 -6.39 3.36
C ASP B 113 -15.07 -5.74 3.74
N ILE B 114 -14.44 -5.08 2.77
CA ILE B 114 -13.16 -4.40 2.94
C ILE B 114 -13.33 -2.96 2.44
N GLY B 115 -12.57 -2.02 3.02
CA GLY B 115 -12.55 -0.66 2.52
C GLY B 115 -11.91 -0.61 1.15
N ALA B 116 -12.17 0.47 0.39
CA ALA B 116 -11.62 0.58 -0.96
C ALA B 116 -11.38 2.03 -1.39
N VAL B 117 -10.15 2.37 -1.79
CA VAL B 117 -9.82 3.72 -2.22
CA VAL B 117 -9.78 3.71 -2.21
C VAL B 117 -9.81 3.83 -3.75
N ALA B 118 -10.59 4.78 -4.29
CA ALA B 118 -10.71 4.92 -5.75
C ALA B 118 -9.91 6.05 -6.31
N LEU B 119 -8.60 5.85 -6.37
CA LEU B 119 -7.66 6.84 -6.88
C LEU B 119 -6.78 6.18 -7.95
N ASP B 120 -6.46 6.91 -9.03
CA ASP B 120 -5.64 6.35 -10.11
C ASP B 120 -4.18 6.81 -10.03
N TYR B 121 -3.24 5.87 -9.95
CA TYR B 121 -1.79 6.12 -9.87
C TYR B 121 -1.00 5.04 -10.62
N PRO B 122 0.21 5.35 -11.17
CA PRO B 122 1.01 4.30 -11.85
C PRO B 122 1.28 3.09 -10.96
N ALA B 123 1.50 1.92 -11.57
CA ALA B 123 1.74 0.67 -10.85
C ALA B 123 2.87 0.73 -9.80
N GLY B 124 3.90 1.58 -10.00
CA GLY B 124 4.98 1.77 -9.05
C GLY B 124 4.60 2.49 -7.76
N THR B 125 3.33 2.90 -7.64
CA THR B 125 2.76 3.53 -6.45
C THR B 125 2.25 2.47 -5.44
N SER B 126 2.08 1.17 -5.85
CA SER B 126 1.61 0.11 -4.93
C SER B 126 2.53 -0.01 -3.72
N GLY B 127 1.93 -0.03 -2.53
CA GLY B 127 2.62 -0.06 -1.25
C GLY B 127 2.37 1.19 -0.43
N SER B 128 1.93 2.29 -1.08
CA SER B 128 1.60 3.56 -0.45
C SER B 128 0.61 3.41 0.71
N PRO B 129 0.96 3.93 1.90
CA PRO B 129 0.06 3.77 3.06
C PRO B 129 -1.22 4.63 3.03
N ILE B 130 -2.26 4.12 3.67
CA ILE B 130 -3.55 4.79 3.81
C ILE B 130 -3.69 5.09 5.30
N LEU B 131 -4.00 6.34 5.66
CA LEU B 131 -4.01 6.79 7.05
C LEU B 131 -5.34 7.24 7.61
N ASP B 132 -5.48 7.20 8.94
CA ASP B 132 -6.64 7.71 9.64
C ASP B 132 -6.32 9.12 10.24
N LYS B 133 -7.29 9.76 10.91
CA LYS B 133 -7.14 11.10 11.51
C LYS B 133 -6.00 11.21 12.52
N CYS B 134 -5.54 10.09 13.11
CA CYS B 134 -4.39 10.10 14.04
C CYS B 134 -3.05 9.93 13.34
N GLY B 135 -3.06 9.63 12.04
CA GLY B 135 -1.84 9.35 11.29
C GLY B 135 -1.47 7.87 11.32
N ARG B 136 -2.35 6.99 11.84
CA ARG B 136 -2.09 5.57 11.92
C ARG B 136 -2.33 4.88 10.58
N VAL B 137 -1.42 3.97 10.19
CA VAL B 137 -1.57 3.25 8.93
C VAL B 137 -2.67 2.18 9.08
N ILE B 138 -3.78 2.37 8.36
CA ILE B 138 -4.92 1.47 8.38
C ILE B 138 -4.92 0.44 7.21
N GLY B 139 -3.87 0.46 6.38
CA GLY B 139 -3.77 -0.47 5.25
C GLY B 139 -2.84 0.05 4.16
N LEU B 140 -2.64 -0.74 3.09
CA LEU B 140 -1.77 -0.35 1.97
C LEU B 140 -2.54 -0.33 0.66
N TYR B 141 -2.24 0.65 -0.19
CA TYR B 141 -2.85 0.86 -1.49
C TYR B 141 -2.00 0.15 -2.54
N GLY B 142 -2.63 -0.59 -3.46
CA GLY B 142 -1.87 -1.26 -4.51
C GLY B 142 -2.31 -2.63 -4.95
N ASN B 143 -3.48 -3.08 -4.50
CA ASN B 143 -4.02 -4.35 -4.96
C ASN B 143 -5.53 -4.21 -5.06
N GLY B 144 -6.04 -4.23 -6.27
CA GLY B 144 -7.45 -4.10 -6.48
C GLY B 144 -7.92 -4.53 -7.84
N VAL B 145 -8.74 -3.69 -8.46
CA VAL B 145 -9.40 -4.02 -9.70
C VAL B 145 -9.54 -2.81 -10.63
N VAL B 146 -9.81 -3.08 -11.90
CA VAL B 146 -10.04 -2.07 -12.90
C VAL B 146 -11.51 -2.16 -13.25
N ILE B 147 -12.25 -1.06 -13.06
CA ILE B 147 -13.69 -1.05 -13.35
C ILE B 147 -13.96 -0.73 -14.83
N LYS B 148 -15.23 -0.87 -15.28
CA LYS B 148 -15.67 -0.70 -16.67
C LYS B 148 -15.17 0.59 -17.38
N ASN B 149 -14.92 1.68 -16.65
CA ASN B 149 -14.43 2.91 -17.25
C ASN B 149 -12.89 3.04 -17.28
N GLY B 150 -12.18 1.94 -17.03
CA GLY B 150 -10.72 1.92 -17.04
C GLY B 150 -10.07 2.43 -15.76
N SER B 151 -10.87 2.99 -14.83
CA SER B 151 -10.37 3.52 -13.57
CA SER B 151 -10.31 3.52 -13.60
C SER B 151 -9.95 2.42 -12.60
N TYR B 152 -9.00 2.74 -11.71
CA TYR B 152 -8.46 1.85 -10.70
C TYR B 152 -9.07 2.00 -9.31
N VAL B 153 -9.47 0.86 -8.70
CA VAL B 153 -10.00 0.84 -7.33
C VAL B 153 -9.16 -0.13 -6.51
N SER B 154 -8.55 0.33 -5.42
CA SER B 154 -7.69 -0.51 -4.61
C SER B 154 -8.34 -0.88 -3.29
N ALA B 155 -8.07 -2.06 -2.80
CA ALA B 155 -8.52 -2.47 -1.48
C ALA B 155 -7.64 -1.74 -0.41
N ILE B 156 -8.17 -1.64 0.81
CA ILE B 156 -7.38 -1.11 1.92
C ILE B 156 -6.86 -2.40 2.55
N THR B 157 -5.68 -2.85 2.07
CA THR B 157 -5.06 -4.12 2.48
C THR B 157 -4.30 -4.01 3.78
N GLN B 158 -4.81 -4.65 4.82
CA GLN B 158 -4.18 -4.62 6.13
C GLN B 158 -3.78 -6.05 6.60
N GLY B 159 -2.62 -6.16 7.20
CA GLY B 159 -2.18 -7.42 7.78
C GLY B 159 -2.74 -7.65 9.17
N LYS B 160 -2.31 -8.74 9.82
CA LYS B 160 -2.73 -9.09 11.18
C LYS B 160 -1.51 -9.02 12.12
N ARG B 161 -1.68 -8.39 13.30
CA ARG B 161 -0.58 -8.28 14.26
C ARG B 161 -0.65 -9.43 15.27
N GLU B 162 0.51 -9.95 15.69
CA GLU B 162 0.57 -11.07 16.64
C GLU B 162 0.87 -10.58 18.07
S DMS C . 13.05 -14.42 -4.95
O DMS C . 12.64 -14.20 -3.52
C1 DMS C . 14.70 -13.72 -5.21
C2 DMS C . 12.19 -13.21 -6.00
N1 A1B9E D . -3.93 -5.39 -9.85
N3 A1B9E D . -1.21 -10.36 -7.34
C4 A1B9E D . -1.91 -4.03 -9.79
C5 A1B9E D . -0.69 -6.04 -8.98
C6 A1B9E D . 0.16 -6.71 -9.89
C7 A1B9E D . 0.36 -8.07 -9.76
C8 A1B9E D . -0.27 -8.76 -8.73
C10 A1B9E D . -1.27 -6.72 -7.92
C13 A1B9E D . -1.80 -2.50 -9.91
C15 A1B9E D . -1.61 -0.26 -9.08
C17 A1B9E D . -2.00 -0.61 -11.40
C20 A1B9E D . -2.58 -1.01 -13.93
C21 A1B9E D . -2.05 -1.97 -11.17
O1 A1B9E D . -3.72 -3.88 -8.19
C1 A1B9E D . -3.29 -4.40 -9.21
C2 A1B9E D . -4.08 -5.46 -11.29
C3 A1B9E D . -4.88 -4.31 -11.85
F1 A1B9E D . -5.72 -3.77 -10.94
F2 A1B9E D . -5.67 -4.73 -12.87
N2 A1B9E D . -0.83 -4.66 -9.08
C9 A1B9E D . -1.06 -8.08 -7.80
C11 A1B9E D . -1.54 -9.05 -6.75
C12 A1B9E D . -0.14 -10.20 -8.32
C14 A1B9E D . -1.57 -1.62 -8.85
CL1 A1B9E D . -1.34 0.87 -7.77
C16 A1B9E D . -1.83 0.25 -10.34
C18 A1B9E D . -2.30 -0.10 -12.77
C19 A1B9E D . -3.67 -0.19 -13.37
S DMS E . 23.80 -5.54 0.14
O DMS E . 24.01 -4.09 0.49
C1 DMS E . 23.96 -5.73 -1.67
C2 DMS E . 22.01 -5.90 0.20
#